data_3GYD
#
_entry.id   3GYD
#
_cell.length_a   60.032
_cell.length_b   39.745
_cell.length_c   70.977
_cell.angle_alpha   90.000
_cell.angle_beta   101.850
_cell.angle_gamma   90.000
#
_symmetry.space_group_name_H-M   'P 1 21 1'
#
loop_
_entity.id
_entity.type
_entity.pdbx_description
1 polymer 'Cyclic nucleotide-binding domain'
2 non-polymer "ADENOSINE-3',5'-CYCLIC-MONOPHOSPHATE"
3 non-polymer GLYCEROL
4 water water
#
_entity_poly.entity_id   1
_entity_poly.type   'polypeptide(L)'
_entity_poly.pdbx_seq_one_letter_code
;(MSE)GSDKIHHHHHHENLYFQG(MSE)YPDLVHLGGADKYFEEILEIVNKIKLFGDFSNEEVRYLCSY(MSE)QCYAAP
RDCQLLTEGDPGDYLLLILTGEVNVIKDIPNKGIQTIAKVGAGAIIGE(MSE)S(MSE)IDG(MSE)PRSASCVASLPTD
FAVLSRDALYQLLAN(MSE)PKLGNKVLIRLLQLLTARFRESYDRILPKTLGELI
;
_entity_poly.pdbx_strand_id   A,B
#
# COMPACT_ATOMS: atom_id res chain seq x y z
N HIS A 10 -26.88 -12.04 4.97
CA HIS A 10 -26.49 -10.74 4.33
C HIS A 10 -25.23 -10.86 3.47
N HIS A 11 -25.45 -10.56 2.19
CA HIS A 11 -24.42 -10.51 1.21
C HIS A 11 -24.13 -9.06 0.93
N HIS A 12 -22.86 -8.78 0.69
CA HIS A 12 -22.45 -7.43 0.44
C HIS A 12 -23.09 -6.85 -0.81
N GLU A 13 -23.59 -5.62 -0.70
CA GLU A 13 -24.43 -5.05 -1.74
C GLU A 13 -23.82 -5.04 -3.13
N ASN A 14 -22.65 -4.42 -3.27
CA ASN A 14 -21.94 -4.32 -4.57
C ASN A 14 -21.77 -5.70 -5.20
N LEU A 15 -21.40 -6.67 -4.41
CA LEU A 15 -21.23 -8.03 -4.93
C LEU A 15 -22.56 -8.64 -5.37
N TYR A 16 -23.56 -8.54 -4.51
CA TYR A 16 -24.91 -9.12 -4.78
C TYR A 16 -25.49 -8.68 -6.12
N PHE A 17 -25.31 -7.41 -6.43
CA PHE A 17 -25.85 -6.85 -7.66
C PHE A 17 -24.90 -6.94 -8.86
N GLN A 18 -23.74 -7.59 -8.71
CA GLN A 18 -22.86 -7.88 -9.88
C GLN A 18 -23.56 -8.79 -10.85
N GLY A 19 -23.32 -8.55 -12.14
CA GLY A 19 -23.88 -9.39 -13.22
C GLY A 19 -23.57 -10.87 -13.05
N TYR A 21 -23.02 -12.37 -10.20
CA TYR A 21 -23.43 -12.88 -8.88
C TYR A 21 -24.22 -14.20 -8.88
N PRO A 22 -25.21 -14.36 -9.79
CA PRO A 22 -25.94 -15.63 -9.85
C PRO A 22 -25.09 -16.86 -10.17
N ASP A 23 -23.90 -16.66 -10.74
CA ASP A 23 -22.94 -17.78 -10.97
C ASP A 23 -22.21 -18.27 -9.73
N LEU A 24 -22.25 -17.49 -8.66
CA LEU A 24 -21.54 -17.81 -7.42
C LEU A 24 -22.37 -18.73 -6.59
N VAL A 25 -21.69 -19.56 -5.79
CA VAL A 25 -22.35 -20.38 -4.81
C VAL A 25 -21.88 -19.89 -3.45
N HIS A 26 -22.81 -19.51 -2.58
CA HIS A 26 -22.48 -19.08 -1.22
C HIS A 26 -22.01 -20.30 -0.39
N LEU A 27 -20.79 -20.24 0.15
CA LEU A 27 -20.22 -21.31 0.93
C LEU A 27 -20.46 -21.13 2.45
N GLY A 28 -20.96 -19.98 2.85
CA GLY A 28 -21.18 -19.65 4.24
C GLY A 28 -20.18 -18.64 4.75
N GLY A 29 -20.15 -18.50 6.07
CA GLY A 29 -19.24 -17.54 6.73
C GLY A 29 -17.79 -17.96 6.66
N ALA A 30 -16.88 -16.98 6.72
CA ALA A 30 -15.44 -17.25 6.75
C ALA A 30 -14.98 -18.10 7.94
N ASP A 31 -15.80 -18.16 8.99
CA ASP A 31 -15.53 -19.09 10.11
C ASP A 31 -15.27 -20.54 9.63
N LYS A 32 -15.97 -20.95 8.57
CA LYS A 32 -15.80 -22.28 7.98
C LYS A 32 -14.42 -22.45 7.34
N TYR A 33 -13.75 -21.35 7.05
CA TYR A 33 -12.43 -21.35 6.37
C TYR A 33 -11.39 -20.68 7.26
N PHE A 34 -11.56 -20.85 8.58
CA PHE A 34 -10.67 -20.21 9.57
C PHE A 34 -9.18 -20.48 9.30
N GLU A 35 -8.79 -21.73 9.06
CA GLU A 35 -7.38 -22.05 8.85
C GLU A 35 -6.80 -21.38 7.60
N GLU A 36 -7.60 -21.33 6.54
CA GLU A 36 -7.18 -20.71 5.30
C GLU A 36 -6.99 -19.20 5.52
N ILE A 37 -7.94 -18.59 6.22
CA ILE A 37 -7.86 -17.15 6.53
C ILE A 37 -6.64 -16.87 7.42
N LEU A 38 -6.45 -17.71 8.43
CA LEU A 38 -5.32 -17.56 9.31
C LEU A 38 -3.98 -17.57 8.56
N GLU A 39 -3.84 -18.50 7.63
CA GLU A 39 -2.65 -18.63 6.84
C GLU A 39 -2.40 -17.37 5.98
N ILE A 40 -3.46 -16.78 5.46
CA ILE A 40 -3.35 -15.56 4.65
C ILE A 40 -2.95 -14.34 5.51
N VAL A 41 -3.68 -14.09 6.60
CA VAL A 41 -3.45 -12.88 7.41
C VAL A 41 -2.14 -12.93 8.19
N ASN A 42 -1.71 -14.11 8.65
CA ASN A 42 -0.43 -14.20 9.35
C ASN A 42 0.85 -14.21 8.49
N LYS A 43 0.73 -13.85 7.21
CA LYS A 43 1.88 -13.43 6.44
C LYS A 43 2.41 -12.06 6.94
N ILE A 44 1.70 -11.40 7.85
CA ILE A 44 2.13 -10.14 8.44
C ILE A 44 3.53 -10.26 9.05
N LYS A 45 4.36 -9.24 8.87
CA LYS A 45 5.68 -9.20 9.46
C LYS A 45 5.99 -7.95 10.22
N LEU A 46 7.00 -8.04 11.09
CA LEU A 46 7.56 -6.92 11.85
C LEU A 46 6.66 -6.43 12.97
N PHE A 47 5.38 -6.27 12.68
CA PHE A 47 4.48 -5.60 13.61
C PHE A 47 3.72 -6.49 14.58
N GLY A 48 3.87 -7.80 14.48
CA GLY A 48 3.16 -8.72 15.37
C GLY A 48 2.13 -9.54 14.64
N ASP A 49 1.96 -10.78 15.07
CA ASP A 49 1.01 -11.72 14.48
C ASP A 49 -0.40 -11.51 15.01
N PHE A 50 -1.36 -12.03 14.24
CA PHE A 50 -2.72 -12.10 14.68
C PHE A 50 -2.79 -13.29 15.62
N SER A 51 -3.45 -13.15 16.77
CA SER A 51 -3.80 -14.32 17.60
C SER A 51 -4.94 -15.10 16.90
N ASN A 52 -5.16 -16.34 17.27
CA ASN A 52 -6.27 -17.13 16.70
C ASN A 52 -7.65 -16.53 17.04
N GLU A 53 -7.78 -15.99 18.24
CA GLU A 53 -9.00 -15.30 18.66
C GLU A 53 -9.29 -14.11 17.76
N GLU A 54 -8.25 -13.36 17.43
CA GLU A 54 -8.39 -12.24 16.52
C GLU A 54 -8.87 -12.69 15.16
N VAL A 55 -8.28 -13.75 14.62
CA VAL A 55 -8.66 -14.24 13.30
C VAL A 55 -10.10 -14.75 13.32
N ARG A 56 -10.51 -15.40 14.40
CA ARG A 56 -11.92 -15.83 14.55
C ARG A 56 -12.85 -14.65 14.45
N TYR A 57 -12.51 -13.59 15.18
CA TYR A 57 -13.35 -12.39 15.21
C TYR A 57 -13.45 -11.75 13.81
N LEU A 58 -12.31 -11.58 13.15
CA LEU A 58 -12.25 -11.10 11.78
C LEU A 58 -13.12 -11.94 10.81
N CYS A 59 -13.09 -13.26 10.97
CA CYS A 59 -13.90 -14.16 10.15
C CYS A 59 -15.37 -13.83 10.23
N SER A 60 -15.82 -13.24 11.33
CA SER A 60 -17.24 -12.91 11.48
C SER A 60 -17.65 -11.78 10.50
N TYR A 61 -16.67 -11.06 9.96
CA TYR A 61 -16.91 -9.93 9.07
C TYR A 61 -16.96 -10.35 7.58
N GLN A 63 -18.09 -13.24 4.34
CA GLN A 63 -18.74 -14.38 3.71
C GLN A 63 -17.84 -14.97 2.60
N CYS A 64 -18.06 -16.25 2.32
CA CYS A 64 -17.26 -16.99 1.34
C CYS A 64 -18.15 -17.49 0.23
N TYR A 65 -17.57 -17.49 -0.98
CA TYR A 65 -18.22 -17.90 -2.23
C TYR A 65 -17.32 -18.81 -3.09
N ALA A 66 -17.95 -19.67 -3.89
CA ALA A 66 -17.29 -20.45 -4.92
C ALA A 66 -17.64 -19.85 -6.25
N ALA A 67 -16.65 -19.54 -7.06
CA ALA A 67 -16.85 -19.02 -8.41
C ALA A 67 -16.43 -20.08 -9.47
N PRO A 68 -17.17 -20.15 -10.58
CA PRO A 68 -16.84 -21.11 -11.62
C PRO A 68 -15.64 -20.65 -12.43
N ARG A 69 -15.05 -21.58 -13.20
CA ARG A 69 -13.98 -21.21 -14.09
C ARG A 69 -14.53 -20.16 -15.04
N ASP A 70 -13.65 -19.26 -15.45
CA ASP A 70 -13.90 -18.10 -16.28
C ASP A 70 -14.75 -16.98 -15.66
N CYS A 71 -15.13 -17.12 -14.40
CA CYS A 71 -15.84 -16.04 -13.71
C CYS A 71 -15.01 -14.75 -13.66
N GLN A 72 -15.61 -13.66 -14.11
CA GLN A 72 -15.00 -12.36 -13.93
C GLN A 72 -15.28 -11.82 -12.51
N LEU A 73 -14.35 -12.13 -11.63
CA LEU A 73 -14.50 -11.83 -10.21
C LEU A 73 -14.55 -10.30 -9.99
N LEU A 74 -13.69 -9.58 -10.68
CA LEU A 74 -13.65 -8.10 -10.63
C LEU A 74 -13.56 -7.65 -12.07
N THR A 75 -14.21 -6.54 -12.38
CA THR A 75 -14.22 -5.98 -13.70
C THR A 75 -13.67 -4.57 -13.67
N GLU A 76 -12.66 -4.34 -14.50
CA GLU A 76 -12.04 -3.03 -14.66
C GLU A 76 -13.11 -1.98 -14.95
N GLY A 77 -13.02 -0.86 -14.24
CA GLY A 77 -13.98 0.21 -14.39
C GLY A 77 -15.20 0.17 -13.48
N ASP A 78 -15.41 -0.95 -12.77
CA ASP A 78 -16.56 -1.06 -11.89
C ASP A 78 -16.33 -0.33 -10.57
N PRO A 79 -17.41 0.00 -9.83
N PRO A 79 -17.44 0.01 -9.89
CA PRO A 79 -17.20 0.40 -8.42
CA PRO A 79 -17.33 0.51 -8.54
C PRO A 79 -16.70 -0.76 -7.58
C PRO A 79 -16.97 -0.68 -7.70
N GLY A 80 -15.94 -0.51 -6.53
N GLY A 80 -16.00 -0.48 -6.83
CA GLY A 80 -15.21 -1.56 -5.86
CA GLY A 80 -15.59 -1.52 -5.96
C GLY A 80 -14.95 -1.41 -4.37
C GLY A 80 -15.42 -0.94 -4.58
N ASP A 81 -16.02 -1.40 -3.58
N ASP A 81 -16.01 -1.61 -3.61
CA ASP A 81 -15.87 -1.21 -2.15
CA ASP A 81 -15.84 -1.23 -2.23
C ASP A 81 -15.68 -2.51 -1.36
C ASP A 81 -15.56 -2.44 -1.34
N TYR A 82 -14.95 -3.47 -1.93
CA TYR A 82 -14.68 -4.70 -1.25
C TYR A 82 -13.47 -5.39 -1.86
N LEU A 83 -12.81 -6.20 -1.06
CA LEU A 83 -11.67 -6.98 -1.49
C LEU A 83 -11.96 -8.47 -1.30
N LEU A 84 -11.15 -9.30 -1.95
CA LEU A 84 -11.33 -10.76 -1.98
C LEU A 84 -10.07 -11.39 -1.40
N LEU A 85 -10.24 -12.36 -0.50
CA LEU A 85 -9.13 -13.24 -0.09
C LEU A 85 -9.29 -14.55 -0.85
N ILE A 86 -8.36 -14.87 -1.74
CA ILE A 86 -8.46 -16.09 -2.54
C ILE A 86 -8.07 -17.32 -1.71
N LEU A 87 -9.03 -18.21 -1.51
CA LEU A 87 -8.84 -19.41 -0.68
C LEU A 87 -8.27 -20.54 -1.54
N THR A 88 -8.76 -20.66 -2.75
CA THR A 88 -8.32 -21.69 -3.66
C THR A 88 -8.55 -21.19 -5.04
N GLY A 89 -7.78 -21.72 -5.99
CA GLY A 89 -7.96 -21.43 -7.39
C GLY A 89 -6.83 -20.64 -8.01
N GLU A 90 -7.11 -20.02 -9.14
CA GLU A 90 -6.11 -19.30 -9.90
C GLU A 90 -6.81 -18.21 -10.65
N VAL A 91 -6.16 -17.05 -10.73
CA VAL A 91 -6.81 -15.84 -11.19
C VAL A 91 -5.85 -15.04 -12.06
N ASN A 92 -6.30 -14.67 -13.26
CA ASN A 92 -5.59 -13.82 -14.18
C ASN A 92 -6.06 -12.35 -13.95
N VAL A 93 -5.08 -11.48 -13.80
CA VAL A 93 -5.26 -10.04 -13.69
C VAL A 93 -5.02 -9.47 -15.07
N ILE A 94 -6.05 -8.87 -15.62
N ILE A 94 -6.06 -8.92 -15.66
CA ILE A 94 -6.08 -8.46 -17.02
CA ILE A 94 -6.00 -8.45 -17.04
C ILE A 94 -6.36 -6.95 -17.08
C ILE A 94 -6.37 -6.98 -17.10
N LYS A 95 -5.71 -6.26 -17.99
CA LYS A 95 -5.89 -4.83 -18.08
C LYS A 95 -5.85 -4.41 -19.53
N ASP A 96 -6.70 -3.42 -19.83
CA ASP A 96 -6.71 -2.80 -21.15
C ASP A 96 -5.61 -1.73 -21.17
N ILE A 97 -4.46 -2.06 -21.77
CA ILE A 97 -3.29 -1.17 -21.75
C ILE A 97 -3.31 -0.22 -22.95
N PRO A 98 -3.49 1.09 -22.70
CA PRO A 98 -3.54 2.00 -23.85
C PRO A 98 -2.40 1.71 -24.81
N ASN A 99 -2.71 1.58 -26.10
CA ASN A 99 -1.70 1.35 -27.14
C ASN A 99 -1.40 -0.13 -27.34
N LYS A 100 -1.25 -0.89 -26.26
CA LYS A 100 -0.96 -2.33 -26.35
C LYS A 100 -2.22 -3.19 -26.52
N GLY A 101 -3.31 -2.81 -25.83
CA GLY A 101 -4.55 -3.62 -25.79
C GLY A 101 -4.73 -4.41 -24.49
N ILE A 102 -5.55 -5.46 -24.54
CA ILE A 102 -5.89 -6.29 -23.36
C ILE A 102 -4.83 -7.37 -23.12
N GLN A 103 -4.20 -7.33 -21.94
CA GLN A 103 -3.09 -8.22 -21.63
C GLN A 103 -3.23 -8.73 -20.21
N THR A 104 -2.75 -9.95 -19.97
CA THR A 104 -2.60 -10.45 -18.62
C THR A 104 -1.35 -9.84 -18.01
N ILE A 105 -1.53 -9.11 -16.91
CA ILE A 105 -0.46 -8.40 -16.26
C ILE A 105 0.06 -9.13 -15.02
N ALA A 106 -0.72 -10.05 -14.45
CA ALA A 106 -0.29 -10.76 -13.26
C ALA A 106 -1.17 -11.99 -13.19
N LYS A 107 -0.68 -13.03 -12.53
CA LYS A 107 -1.46 -14.21 -12.13
C LYS A 107 -1.27 -14.47 -10.65
N VAL A 108 -2.37 -14.74 -9.97
CA VAL A 108 -2.33 -15.01 -8.55
C VAL A 108 -3.10 -16.29 -8.26
N GLY A 109 -2.87 -16.82 -7.06
CA GLY A 109 -3.55 -18.05 -6.62
C GLY A 109 -3.95 -18.04 -5.16
N ALA A 110 -4.06 -19.24 -4.60
CA ALA A 110 -4.40 -19.40 -3.20
C ALA A 110 -3.52 -18.56 -2.30
N GLY A 111 -4.17 -17.83 -1.41
CA GLY A 111 -3.51 -16.95 -0.48
C GLY A 111 -3.43 -15.52 -0.92
N ALA A 112 -3.76 -15.22 -2.18
CA ALA A 112 -3.65 -13.87 -2.69
C ALA A 112 -4.79 -13.02 -2.13
N ILE A 113 -4.57 -11.70 -2.10
CA ILE A 113 -5.61 -10.72 -1.83
C ILE A 113 -5.72 -9.85 -3.09
N ILE A 114 -6.94 -9.69 -3.57
CA ILE A 114 -7.26 -8.84 -4.71
C ILE A 114 -8.48 -7.93 -4.44
N GLY A 115 -8.52 -6.82 -5.18
CA GLY A 115 -9.54 -5.81 -5.03
C GLY A 115 -9.29 -4.84 -3.91
N GLU A 116 -8.08 -4.87 -3.34
CA GLU A 116 -7.72 -3.96 -2.22
C GLU A 116 -7.68 -2.48 -2.64
N SER A 118 -9.49 -0.42 -4.92
CA SER A 118 -10.76 0.29 -4.92
C SER A 118 -11.36 0.27 -3.51
N ILE A 120 -9.86 0.49 -0.77
CA ILE A 120 -9.10 1.42 0.01
C ILE A 120 -9.34 2.84 -0.45
N ASP A 121 -9.45 3.09 -1.76
CA ASP A 121 -9.41 4.47 -2.24
C ASP A 121 -10.64 4.96 -2.98
N GLY A 122 -11.58 4.06 -3.24
CA GLY A 122 -12.83 4.45 -3.84
C GLY A 122 -12.81 4.74 -5.32
N PRO A 124 -12.50 3.47 -9.40
CA PRO A 124 -12.98 2.29 -10.09
C PRO A 124 -11.88 1.21 -10.15
N ARG A 125 -12.27 -0.05 -10.24
CA ARG A 125 -11.31 -1.16 -10.36
C ARG A 125 -10.25 -0.84 -11.40
N SER A 126 -8.98 -1.07 -11.06
CA SER A 126 -7.83 -0.81 -11.98
C SER A 126 -7.60 -1.88 -13.06
N ALA A 127 -8.19 -3.08 -12.87
CA ALA A 127 -7.97 -4.23 -13.75
C ALA A 127 -9.13 -5.20 -13.57
N SER A 128 -9.27 -6.14 -14.49
CA SER A 128 -10.24 -7.22 -14.35
C SER A 128 -9.50 -8.40 -13.74
N CYS A 129 -10.22 -9.25 -13.01
CA CYS A 129 -9.64 -10.42 -12.38
C CYS A 129 -10.55 -11.59 -12.74
N VAL A 130 -9.98 -12.55 -13.45
CA VAL A 130 -10.76 -13.62 -14.06
C VAL A 130 -10.27 -14.95 -13.55
N ALA A 131 -11.20 -15.75 -13.03
CA ALA A 131 -10.87 -17.10 -12.53
C ALA A 131 -10.51 -17.96 -13.73
N SER A 132 -9.28 -18.44 -13.79
CA SER A 132 -8.91 -19.42 -14.82
C SER A 132 -9.12 -20.87 -14.38
N LEU A 133 -9.23 -21.09 -13.08
CA LEU A 133 -9.74 -22.33 -12.50
C LEU A 133 -10.88 -21.95 -11.57
N PRO A 134 -11.76 -22.91 -11.22
CA PRO A 134 -12.75 -22.57 -10.20
C PRO A 134 -12.07 -22.09 -8.96
N THR A 135 -12.57 -20.99 -8.42
CA THR A 135 -11.90 -20.22 -7.38
C THR A 135 -12.86 -19.89 -6.25
N ASP A 136 -12.43 -20.16 -5.02
CA ASP A 136 -13.21 -19.87 -3.81
C ASP A 136 -12.58 -18.66 -3.10
N PHE A 137 -13.40 -17.82 -2.51
CA PHE A 137 -12.90 -16.56 -1.94
C PHE A 137 -13.77 -16.02 -0.82
N ALA A 138 -13.13 -15.29 0.09
CA ALA A 138 -13.82 -14.55 1.17
C ALA A 138 -13.90 -13.10 0.78
N VAL A 139 -14.96 -12.43 1.19
CA VAL A 139 -15.20 -11.02 0.83
C VAL A 139 -15.17 -10.17 2.05
N LEU A 140 -14.31 -9.15 2.04
CA LEU A 140 -14.31 -8.07 3.05
C LEU A 140 -14.65 -6.73 2.43
N SER A 141 -15.78 -6.19 2.86
CA SER A 141 -16.23 -4.87 2.40
C SER A 141 -15.57 -3.70 3.14
N ARG A 142 -15.62 -2.52 2.53
CA ARG A 142 -15.12 -1.33 3.17
C ARG A 142 -15.95 -1.07 4.44
N ASP A 143 -17.26 -1.30 4.36
CA ASP A 143 -18.13 -1.15 5.52
C ASP A 143 -17.72 -2.02 6.71
N ALA A 144 -17.39 -3.29 6.44
CA ALA A 144 -16.94 -4.22 7.46
C ALA A 144 -15.63 -3.72 8.07
N LEU A 145 -14.77 -3.18 7.21
CA LEU A 145 -13.49 -2.63 7.69
C LEU A 145 -13.75 -1.43 8.58
N TYR A 146 -14.62 -0.52 8.17
CA TYR A 146 -14.99 0.64 9.00
C TYR A 146 -15.46 0.19 10.38
N GLN A 147 -16.34 -0.80 10.43
CA GLN A 147 -16.82 -1.32 11.71
C GLN A 147 -15.71 -1.92 12.54
N LEU A 148 -14.84 -2.70 11.89
CA LEU A 148 -13.69 -3.28 12.55
C LEU A 148 -12.80 -2.21 13.15
N LEU A 149 -12.49 -1.16 12.39
CA LEU A 149 -11.68 -0.06 12.92
C LEU A 149 -12.35 0.63 14.09
N ALA A 150 -13.65 0.93 13.94
CA ALA A 150 -14.44 1.50 15.03
C ALA A 150 -14.52 0.56 16.23
N ASN A 151 -14.82 -0.72 16.00
CA ASN A 151 -15.06 -1.67 17.12
C ASN A 151 -13.79 -2.12 17.81
N PRO A 153 -9.94 -1.22 17.11
CA PRO A 153 -8.83 -0.55 16.43
C PRO A 153 -7.47 -1.27 16.42
N LYS A 154 -7.12 -1.92 17.51
CA LYS A 154 -5.85 -2.68 17.54
C LYS A 154 -5.79 -3.86 16.56
N LEU A 155 -6.90 -4.58 16.41
CA LEU A 155 -7.00 -5.62 15.40
C LEU A 155 -7.02 -4.95 14.02
N GLY A 156 -7.73 -3.83 13.93
CA GLY A 156 -7.71 -3.00 12.69
C GLY A 156 -6.28 -2.70 12.22
N ASN A 157 -5.41 -2.28 13.14
CA ASN A 157 -4.00 -1.97 12.87
C ASN A 157 -3.37 -3.15 12.14
N LYS A 158 -3.63 -4.36 12.64
CA LYS A 158 -3.02 -5.56 12.04
C LYS A 158 -3.54 -5.86 10.61
N VAL A 159 -4.84 -5.68 10.39
CA VAL A 159 -5.42 -5.79 9.05
C VAL A 159 -4.78 -4.77 8.11
N LEU A 160 -4.70 -3.53 8.57
CA LEU A 160 -4.12 -2.47 7.75
C LEU A 160 -2.63 -2.69 7.41
N ILE A 161 -1.84 -3.13 8.37
N ILE A 161 -1.85 -3.12 8.39
CA ILE A 161 -0.44 -3.46 8.10
CA ILE A 161 -0.44 -3.46 8.15
C ILE A 161 -0.35 -4.60 7.12
C ILE A 161 -0.34 -4.60 7.14
N ARG A 162 -1.19 -5.61 7.28
CA ARG A 162 -1.23 -6.74 6.30
C ARG A 162 -1.50 -6.26 4.86
N LEU A 163 -2.44 -5.35 4.71
CA LEU A 163 -2.76 -4.77 3.41
C LEU A 163 -1.64 -3.88 2.87
N LEU A 164 -0.99 -3.15 3.77
CA LEU A 164 0.18 -2.31 3.39
C LEU A 164 1.30 -3.18 2.83
N GLN A 165 1.61 -4.26 3.54
CA GLN A 165 2.59 -5.21 3.10
C GLN A 165 2.22 -5.96 1.83
N LEU A 166 0.93 -6.27 1.65
CA LEU A 166 0.46 -6.76 0.37
C LEU A 166 0.85 -5.81 -0.76
N LEU A 167 0.59 -4.53 -0.58
CA LEU A 167 0.83 -3.54 -1.64
C LEU A 167 2.34 -3.33 -1.89
N THR A 168 3.12 -3.21 -0.84
CA THR A 168 4.57 -2.98 -1.03
C THR A 168 5.17 -4.18 -1.79
N ALA A 169 4.76 -5.38 -1.41
CA ALA A 169 5.24 -6.60 -2.09
C ALA A 169 4.84 -6.61 -3.53
N ARG A 170 3.60 -6.20 -3.81
CA ARG A 170 3.05 -6.13 -5.16
C ARG A 170 3.82 -5.10 -6.00
N PHE A 171 4.13 -3.95 -5.41
CA PHE A 171 4.95 -2.96 -6.07
C PHE A 171 6.30 -3.51 -6.48
N ARG A 172 6.99 -4.10 -5.51
CA ARG A 172 8.33 -4.61 -5.71
C ARG A 172 8.37 -5.73 -6.74
N GLU A 173 7.45 -6.69 -6.60
N GLU A 173 7.43 -6.66 -6.64
CA GLU A 173 7.43 -7.86 -7.47
CA GLU A 173 7.33 -7.76 -7.60
C GLU A 173 7.05 -7.45 -8.89
C GLU A 173 7.07 -7.21 -9.00
N SER A 174 6.18 -6.45 -9.01
N SER A 174 6.06 -6.37 -9.09
CA SER A 174 5.79 -5.96 -10.32
CA SER A 174 5.67 -5.83 -10.39
C SER A 174 6.92 -5.18 -11.00
C SER A 174 6.86 -5.10 -11.03
N TYR A 175 7.60 -4.33 -10.24
CA TYR A 175 8.82 -3.64 -10.72
C TYR A 175 9.87 -4.55 -11.28
N ASP A 176 10.23 -5.55 -10.49
CA ASP A 176 11.22 -6.52 -10.88
C ASP A 176 10.85 -7.24 -12.17
N ARG A 177 9.54 -7.45 -12.40
CA ARG A 177 9.06 -8.17 -13.58
C ARG A 177 8.78 -7.26 -14.79
N ILE A 178 8.24 -6.08 -14.56
CA ILE A 178 7.76 -5.21 -15.65
C ILE A 178 8.75 -4.13 -16.15
N LEU A 179 9.45 -3.44 -15.24
CA LEU A 179 10.38 -2.38 -15.63
C LEU A 179 11.42 -2.80 -16.70
N PRO A 180 12.05 -3.97 -16.53
CA PRO A 180 13.01 -4.42 -17.56
C PRO A 180 12.40 -4.61 -18.97
N LYS A 181 11.07 -4.64 -19.07
CA LYS A 181 10.35 -4.81 -20.34
C LYS A 181 9.92 -3.49 -20.98
N THR A 182 10.30 -2.39 -20.37
CA THR A 182 9.89 -1.08 -20.85
C THR A 182 10.91 -0.55 -21.86
N LEU A 183 10.46 0.36 -22.73
CA LEU A 183 11.33 1.02 -23.69
C LEU A 183 11.20 2.52 -23.55
N GLY A 184 12.34 3.21 -23.44
CA GLY A 184 12.37 4.67 -23.44
C GLY A 184 12.19 5.30 -22.06
N GLU A 185 11.93 6.60 -22.04
CA GLU A 185 11.78 7.36 -20.79
C GLU A 185 10.47 7.00 -20.10
N LEU A 186 10.53 6.84 -18.77
CA LEU A 186 9.37 6.43 -17.98
C LEU A 186 8.52 7.60 -17.47
N ILE A 187 9.08 8.81 -17.49
CA ILE A 187 8.38 9.99 -16.99
C ILE A 187 8.51 11.13 -17.99
N HIS B 8 14.57 10.28 23.19
CA HIS B 8 15.57 9.17 23.29
C HIS B 8 15.70 8.43 21.97
N HIS B 9 14.59 7.83 21.51
CA HIS B 9 14.48 7.30 20.14
C HIS B 9 15.02 8.34 19.16
N HIS B 10 14.57 9.58 19.29
CA HIS B 10 15.02 10.65 18.43
C HIS B 10 16.50 10.96 18.61
N HIS B 11 16.99 10.86 19.85
CA HIS B 11 18.42 11.04 20.11
C HIS B 11 19.27 10.09 19.26
N HIS B 12 18.96 8.81 19.33
CA HIS B 12 19.70 7.81 18.56
C HIS B 12 19.37 7.84 17.08
N GLU B 13 18.13 8.21 16.75
CA GLU B 13 17.76 8.45 15.35
C GLU B 13 18.65 9.55 14.79
N ASN B 14 18.85 10.62 15.58
CA ASN B 14 19.67 11.74 15.11
C ASN B 14 21.13 11.33 14.90
N LEU B 15 21.69 10.57 15.83
CA LEU B 15 23.03 10.01 15.64
C LEU B 15 23.13 9.23 14.32
N TYR B 16 22.15 8.38 14.03
CA TYR B 16 22.11 7.70 12.74
C TYR B 16 22.16 8.69 11.56
N PHE B 17 21.30 9.71 11.54
CA PHE B 17 21.24 10.60 10.38
C PHE B 17 22.52 11.42 10.24
N GLN B 18 23.01 11.94 11.35
CA GLN B 18 24.22 12.75 11.32
C GLN B 18 25.43 11.87 10.98
N GLY B 19 25.39 10.61 11.40
CA GLY B 19 26.47 9.65 11.12
C GLY B 19 26.44 9.17 9.69
N TYR B 21 24.25 10.45 7.15
CA TYR B 21 23.86 11.47 6.19
C TYR B 21 24.60 12.78 6.53
N PRO B 22 25.85 12.91 6.06
CA PRO B 22 26.71 14.05 6.42
C PRO B 22 26.17 15.43 6.04
N ASP B 23 25.42 15.53 4.94
CA ASP B 23 24.95 16.82 4.44
C ASP B 23 23.71 17.35 5.19
N LEU B 24 23.09 16.53 6.05
CA LEU B 24 21.78 16.92 6.61
C LEU B 24 21.97 17.91 7.76
N VAL B 25 21.10 18.91 7.83
CA VAL B 25 21.08 19.84 8.94
C VAL B 25 19.84 19.56 9.80
N HIS B 26 20.03 19.26 11.08
CA HIS B 26 18.88 18.96 11.95
C HIS B 26 18.05 20.21 12.23
N LEU B 27 16.74 20.13 12.00
CA LEU B 27 15.83 21.26 12.18
C LEU B 27 15.04 21.19 13.47
N GLY B 28 15.11 20.05 14.17
CA GLY B 28 14.33 19.86 15.38
C GLY B 28 12.95 19.28 15.14
N GLY B 29 12.02 19.56 16.04
CA GLY B 29 10.70 18.88 16.05
C GLY B 29 9.79 19.22 14.87
N ALA B 30 9.02 18.23 14.43
CA ALA B 30 8.07 18.41 13.35
C ALA B 30 6.92 19.41 13.68
N ASP B 31 6.77 19.81 14.93
CA ASP B 31 5.79 20.85 15.25
C ASP B 31 6.11 22.15 14.51
N LYS B 32 7.37 22.39 14.13
CA LYS B 32 7.74 23.54 13.27
C LYS B 32 7.05 23.49 11.88
N TYR B 33 6.60 22.30 11.46
CA TYR B 33 5.93 22.08 10.18
C TYR B 33 4.51 21.51 10.33
N PHE B 34 3.84 21.89 11.41
CA PHE B 34 2.49 21.48 11.71
C PHE B 34 1.57 21.70 10.54
N GLU B 35 1.62 22.88 9.92
CA GLU B 35 0.62 23.20 8.88
C GLU B 35 0.87 22.32 7.67
N GLU B 36 2.15 22.12 7.34
CA GLU B 36 2.47 21.33 6.15
C GLU B 36 2.07 19.83 6.37
N ILE B 37 2.27 19.35 7.60
CA ILE B 37 2.03 17.95 7.96
C ILE B 37 0.53 17.72 8.04
N LEU B 38 -0.19 18.68 8.61
CA LEU B 38 -1.65 18.68 8.59
C LEU B 38 -2.19 18.53 7.16
N GLU B 39 -1.65 19.31 6.24
CA GLU B 39 -2.09 19.22 4.85
C GLU B 39 -1.77 17.85 4.23
N ILE B 40 -0.59 17.31 4.53
CA ILE B 40 -0.18 16.02 3.96
C ILE B 40 -1.16 14.94 4.43
N VAL B 41 -1.38 14.86 5.73
CA VAL B 41 -2.15 13.75 6.28
C VAL B 41 -3.65 13.91 5.94
N ASN B 42 -4.12 15.14 5.83
CA ASN B 42 -5.54 15.34 5.52
C ASN B 42 -5.92 15.21 4.05
N LYS B 43 -4.99 14.77 3.21
CA LYS B 43 -5.33 14.16 1.91
C LYS B 43 -6.04 12.81 2.06
N ILE B 44 -6.09 12.27 3.26
CA ILE B 44 -6.84 11.03 3.53
C ILE B 44 -8.28 11.20 3.06
N LYS B 45 -8.83 10.15 2.47
CA LYS B 45 -10.22 10.18 2.03
C LYS B 45 -11.00 8.96 2.53
N LEU B 46 -12.33 9.07 2.51
CA LEU B 46 -13.24 7.98 2.91
C LEU B 46 -13.25 7.56 4.36
N PHE B 47 -12.23 7.84 5.11
CA PHE B 47 -12.21 7.36 6.47
C PHE B 47 -12.26 8.45 7.51
N GLY B 48 -12.26 9.72 7.12
CA GLY B 48 -12.33 10.82 8.09
C GLY B 48 -10.99 11.46 8.47
N ASP B 49 -11.00 12.76 8.77
CA ASP B 49 -9.77 13.56 8.79
C ASP B 49 -9.08 13.43 10.13
N PHE B 50 -7.83 13.89 10.16
CA PHE B 50 -7.07 14.08 11.37
C PHE B 50 -7.45 15.44 11.99
N SER B 51 -7.62 15.46 13.32
CA SER B 51 -7.88 16.71 14.05
C SER B 51 -6.54 17.44 14.29
N ASN B 52 -6.62 18.75 14.57
CA ASN B 52 -5.43 19.53 14.89
C ASN B 52 -4.67 18.88 16.02
N GLU B 53 -5.42 18.44 17.02
CA GLU B 53 -4.83 17.80 18.18
C GLU B 53 -4.13 16.49 17.82
N GLU B 54 -4.77 15.71 16.93
CA GLU B 54 -4.17 14.47 16.45
C GLU B 54 -2.85 14.75 15.70
N VAL B 55 -2.85 15.77 14.86
CA VAL B 55 -1.63 16.18 14.15
C VAL B 55 -0.51 16.69 15.06
N ARG B 56 -0.86 17.46 16.09
CA ARG B 56 0.17 17.88 17.05
C ARG B 56 0.79 16.70 17.76
N TYR B 57 -0.03 15.70 18.05
CA TYR B 57 0.46 14.51 18.74
C TYR B 57 1.41 13.75 17.77
N LEU B 58 0.96 13.60 16.52
CA LEU B 58 1.76 12.89 15.52
C LEU B 58 3.13 13.59 15.33
N CYS B 59 3.07 14.92 15.26
CA CYS B 59 4.31 15.73 15.16
C CYS B 59 5.33 15.44 16.23
N SER B 60 4.85 15.08 17.44
CA SER B 60 5.75 14.79 18.54
C SER B 60 6.57 13.55 18.28
N TYR B 61 6.13 12.68 17.37
CA TYR B 61 6.88 11.48 17.02
C TYR B 61 7.98 11.71 15.98
N GLN B 63 11.20 14.12 13.95
N GLN B 63 11.19 14.15 13.96
CA GLN B 63 12.20 15.19 13.81
CA GLN B 63 12.09 15.30 13.79
C GLN B 63 12.44 15.46 12.34
C GLN B 63 12.23 15.58 12.32
N CYS B 64 12.91 16.68 12.04
CA CYS B 64 13.05 17.18 10.70
C CYS B 64 14.46 17.56 10.38
N TYR B 65 14.78 17.52 9.09
CA TYR B 65 16.12 17.78 8.55
C TYR B 65 16.01 18.59 7.27
N ALA B 66 17.02 19.42 7.00
CA ALA B 66 17.25 20.07 5.71
C ALA B 66 18.38 19.37 4.95
N ALA B 67 18.08 18.99 3.71
CA ALA B 67 19.06 18.36 2.79
C ALA B 67 19.41 19.40 1.73
N PRO B 68 20.67 19.40 1.27
CA PRO B 68 21.04 20.22 0.13
C PRO B 68 20.71 19.56 -1.20
N ARG B 69 20.79 20.34 -2.27
CA ARG B 69 20.72 19.83 -3.64
C ARG B 69 21.70 18.68 -3.79
N ASP B 70 21.28 17.64 -4.51
CA ASP B 70 22.10 16.46 -4.81
C ASP B 70 22.35 15.64 -3.57
N CYS B 71 21.45 15.68 -2.62
CA CYS B 71 21.63 14.84 -1.46
C CYS B 71 20.89 13.53 -1.75
N GLN B 72 21.58 12.40 -1.62
CA GLN B 72 20.90 11.11 -1.74
C GLN B 72 20.20 10.74 -0.41
N LEU B 73 18.91 11.06 -0.39
CA LEU B 73 18.05 10.81 0.76
C LEU B 73 17.90 9.32 1.02
N LEU B 74 17.68 8.56 -0.05
CA LEU B 74 17.54 7.10 0.03
C LEU B 74 18.34 6.48 -1.10
N THR B 75 18.92 5.31 -0.84
CA THR B 75 19.72 4.57 -1.79
C THR B 75 19.18 3.15 -2.01
N GLU B 76 18.88 2.84 -3.26
CA GLU B 76 18.43 1.53 -3.66
C GLU B 76 19.31 0.42 -3.04
N GLY B 77 18.67 -0.59 -2.47
CA GLY B 77 19.38 -1.75 -1.90
C GLY B 77 19.83 -1.54 -0.47
N ASP B 78 19.73 -0.31 0.08
CA ASP B 78 20.10 -0.06 1.47
C ASP B 78 19.02 -0.64 2.36
N PRO B 79 19.38 -0.97 3.61
CA PRO B 79 18.37 -1.26 4.60
C PRO B 79 17.73 0.07 5.00
N GLY B 80 16.49 0.03 5.48
CA GLY B 80 15.82 1.22 5.92
C GLY B 80 14.57 0.94 6.73
N ASP B 81 14.37 1.64 7.84
CA ASP B 81 13.22 1.42 8.64
C ASP B 81 12.47 2.73 8.88
N TYR B 82 12.58 3.68 7.95
CA TYR B 82 11.99 5.02 8.16
C TYR B 82 11.47 5.55 6.86
N LEU B 83 10.47 6.40 6.97
CA LEU B 83 9.89 7.09 5.85
C LEU B 83 10.06 8.61 6.07
N LEU B 84 9.92 9.36 4.99
CA LEU B 84 10.14 10.79 4.95
C LEU B 84 8.90 11.50 4.38
N LEU B 85 8.46 12.53 5.11
CA LEU B 85 7.45 13.48 4.68
C LEU B 85 8.18 14.66 4.09
N ILE B 86 8.00 14.88 2.79
CA ILE B 86 8.69 15.95 2.09
C ILE B 86 7.92 17.25 2.31
N LEU B 87 8.57 18.22 2.95
CA LEU B 87 7.90 19.46 3.41
C LEU B 87 8.07 20.55 2.37
N THR B 88 9.26 20.58 1.79
CA THR B 88 9.69 21.51 0.77
C THR B 88 10.64 20.79 -0.19
N GLY B 89 10.80 21.29 -1.42
CA GLY B 89 11.80 20.78 -2.31
C GLY B 89 11.28 19.86 -3.40
N GLU B 90 12.20 19.02 -3.88
CA GLU B 90 11.98 18.18 -5.03
C GLU B 90 12.90 16.97 -4.97
N VAL B 91 12.34 15.81 -5.31
CA VAL B 91 13.09 14.58 -5.23
C VAL B 91 12.90 13.77 -6.52
N ASN B 92 14.01 13.29 -7.06
CA ASN B 92 13.99 12.34 -8.21
C ASN B 92 14.06 10.91 -7.66
N VAL B 93 13.11 10.06 -8.06
CA VAL B 93 13.11 8.65 -7.72
C VAL B 93 13.70 7.88 -8.90
N ILE B 94 14.79 7.17 -8.66
CA ILE B 94 15.51 6.50 -9.72
C ILE B 94 15.82 5.06 -9.35
N LYS B 95 15.97 4.22 -10.37
CA LYS B 95 16.16 2.81 -10.18
C LYS B 95 17.12 2.32 -11.22
N ASP B 96 17.98 1.38 -10.84
CA ASP B 96 18.85 0.69 -11.79
C ASP B 96 18.10 -0.47 -12.40
N ILE B 97 17.52 -0.23 -13.57
CA ILE B 97 16.58 -1.17 -14.19
C ILE B 97 17.40 -2.10 -15.09
N PRO B 98 17.33 -3.41 -14.84
CA PRO B 98 17.94 -4.39 -15.77
C PRO B 98 17.58 -4.14 -17.26
N ASN B 99 18.60 -4.21 -18.12
CA ASN B 99 18.46 -3.97 -19.57
C ASN B 99 18.25 -2.49 -19.97
N LYS B 100 18.16 -1.59 -18.99
CA LYS B 100 17.96 -0.15 -19.25
C LYS B 100 18.96 0.79 -18.55
N GLY B 101 19.57 0.35 -17.46
CA GLY B 101 20.44 1.20 -16.65
C GLY B 101 19.67 2.00 -15.62
N ILE B 102 20.31 3.06 -15.11
CA ILE B 102 19.71 3.95 -14.11
C ILE B 102 18.72 4.88 -14.79
N GLN B 103 17.48 4.88 -14.30
CA GLN B 103 16.43 5.67 -14.90
C GLN B 103 15.48 6.25 -13.85
N THR B 104 14.91 7.41 -14.16
CA THR B 104 13.99 8.08 -13.27
C THR B 104 12.59 7.50 -13.45
N ILE B 105 12.06 6.92 -12.39
CA ILE B 105 10.73 6.36 -12.45
C ILE B 105 9.67 7.35 -11.94
N ALA B 106 10.07 8.33 -11.14
CA ALA B 106 9.14 9.29 -10.60
C ALA B 106 9.85 10.57 -10.15
N LYS B 107 9.09 11.66 -10.18
CA LYS B 107 9.55 12.94 -9.67
C LYS B 107 8.48 13.40 -8.70
N VAL B 108 8.89 13.70 -7.46
CA VAL B 108 7.95 14.15 -6.41
C VAL B 108 8.43 15.44 -5.74
N GLY B 109 7.48 16.17 -5.14
CA GLY B 109 7.77 17.44 -4.50
C GLY B 109 7.10 17.62 -3.13
N ALA B 110 6.90 18.88 -2.76
CA ALA B 110 6.36 19.18 -1.43
C ALA B 110 5.06 18.45 -1.28
N GLY B 111 4.87 17.81 -0.13
CA GLY B 111 3.67 17.03 0.16
C GLY B 111 3.85 15.53 -0.02
N ALA B 112 4.92 15.12 -0.70
CA ALA B 112 5.12 13.71 -1.01
C ALA B 112 5.49 12.93 0.24
N ILE B 113 5.21 11.63 0.20
CA ILE B 113 5.75 10.72 1.21
C ILE B 113 6.65 9.74 0.51
N ILE B 114 7.88 9.53 1.00
CA ILE B 114 8.82 8.55 0.37
C ILE B 114 9.44 7.69 1.45
N GLY B 115 9.95 6.51 1.07
CA GLY B 115 10.55 5.58 2.00
C GLY B 115 9.56 4.72 2.79
N GLU B 116 8.27 4.85 2.49
CA GLU B 116 7.26 4.02 3.14
C GLU B 116 7.42 2.51 2.95
N SER B 118 10.11 0.18 2.60
CA SER B 118 11.02 -0.55 3.48
C SER B 118 10.59 -0.31 4.95
N ILE B 120 7.65 -0.15 6.05
CA ILE B 120 6.51 -1.06 6.23
C ILE B 120 6.91 -2.53 6.20
N ASP B 121 7.79 -2.91 5.28
CA ASP B 121 8.00 -4.36 5.02
C ASP B 121 9.39 -4.90 5.35
N GLY B 122 10.32 -4.00 5.69
CA GLY B 122 11.67 -4.39 6.06
C GLY B 122 12.56 -4.95 4.95
N PRO B 124 14.99 -4.21 1.47
CA PRO B 124 15.84 -3.09 1.11
C PRO B 124 15.10 -2.01 0.30
N ARG B 125 15.65 -0.81 0.24
CA ARG B 125 15.00 0.28 -0.52
C ARG B 125 14.85 -0.16 -1.98
N SER B 126 13.68 0.11 -2.53
CA SER B 126 13.31 -0.27 -3.89
C SER B 126 13.90 0.65 -4.96
N ALA B 127 14.28 1.85 -4.56
CA ALA B 127 14.80 2.87 -5.47
C ALA B 127 15.66 3.88 -4.68
N SER B 128 16.47 4.66 -5.38
CA SER B 128 17.22 5.79 -4.77
C SER B 128 16.35 7.04 -4.90
N CYS B 129 16.44 7.94 -3.94
CA CYS B 129 15.73 9.22 -3.95
C CYS B 129 16.77 10.31 -3.72
N VAL B 130 16.89 11.22 -4.69
CA VAL B 130 17.91 12.27 -4.63
C VAL B 130 17.23 13.63 -4.60
N ALA B 131 17.60 14.47 -3.62
CA ALA B 131 17.11 15.85 -3.55
C ALA B 131 17.68 16.62 -4.73
N SER B 132 16.80 17.06 -5.63
CA SER B 132 17.22 17.84 -6.78
C SER B 132 17.22 19.34 -6.47
N LEU B 133 16.50 19.74 -5.42
CA LEU B 133 16.49 21.09 -4.87
C LEU B 133 16.73 20.91 -3.38
N PRO B 134 17.13 21.98 -2.68
CA PRO B 134 17.19 21.88 -1.25
C PRO B 134 15.84 21.42 -0.76
N THR B 135 15.86 20.45 0.14
CA THR B 135 14.65 19.72 0.56
C THR B 135 14.59 19.55 2.10
N ASP B 136 13.52 20.03 2.70
CA ASP B 136 13.25 19.78 4.11
C ASP B 136 12.27 18.65 4.26
N PHE B 137 12.44 17.82 5.30
CA PHE B 137 11.58 16.65 5.47
C PHE B 137 11.48 16.25 6.93
N ALA B 138 10.38 15.57 7.28
CA ALA B 138 10.14 14.96 8.62
C ALA B 138 10.41 13.48 8.49
N VAL B 139 10.92 12.85 9.54
CA VAL B 139 11.18 11.43 9.54
C VAL B 139 10.25 10.69 10.49
N LEU B 140 9.65 9.60 10.01
CA LEU B 140 8.89 8.69 10.87
C LEU B 140 9.53 7.29 10.80
N SER B 141 10.06 6.80 11.91
CA SER B 141 10.69 5.51 11.95
C SER B 141 9.63 4.45 12.26
N ARG B 142 10.00 3.21 11.97
CA ARG B 142 9.13 2.07 12.24
C ARG B 142 8.89 1.96 13.74
N ASP B 143 9.94 2.16 14.54
CA ASP B 143 9.83 2.16 16.00
C ASP B 143 8.84 3.20 16.51
N ALA B 144 8.88 4.41 15.97
CA ALA B 144 7.93 5.45 16.34
C ALA B 144 6.49 5.03 15.96
N LEU B 145 6.32 4.48 14.76
CA LEU B 145 5.00 4.01 14.33
C LEU B 145 4.47 2.93 15.25
N TYR B 146 5.36 1.99 15.65
N TYR B 146 5.33 2.03 15.68
CA TYR B 146 5.06 0.90 16.63
CA TYR B 146 4.93 0.91 16.52
C TYR B 146 4.40 1.52 17.83
C TYR B 146 4.48 1.42 17.92
N GLN B 147 5.13 2.46 18.42
CA GLN B 147 4.70 3.14 19.64
C GLN B 147 3.37 3.90 19.46
N LEU B 148 3.19 4.55 18.32
CA LEU B 148 1.93 5.24 18.04
C LEU B 148 0.77 4.26 17.96
N LEU B 149 0.95 3.13 17.23
CA LEU B 149 -0.09 2.11 17.18
C LEU B 149 -0.39 1.50 18.55
N ALA B 150 0.63 1.22 19.36
CA ALA B 150 0.43 0.71 20.70
C ALA B 150 -0.34 1.69 21.59
N ASN B 151 -0.01 2.96 21.49
CA ASN B 151 -0.55 3.97 22.39
C ASN B 151 -1.88 4.57 21.92
N PRO B 153 -4.17 3.67 19.00
CA PRO B 153 -4.45 2.85 17.79
C PRO B 153 -5.40 3.45 16.77
N LYS B 154 -6.34 4.29 17.18
CA LYS B 154 -7.28 4.86 16.21
C LYS B 154 -6.60 5.91 15.34
N LEU B 155 -5.81 6.77 15.96
CA LEU B 155 -4.89 7.63 15.19
C LEU B 155 -3.99 6.80 14.29
N GLY B 156 -3.43 5.73 14.83
CA GLY B 156 -2.61 4.78 14.06
C GLY B 156 -3.32 4.29 12.80
N ASN B 157 -4.59 3.97 12.91
N ASN B 157 -4.62 3.94 12.98
CA ASN B 157 -5.29 3.51 11.73
CA ASN B 157 -5.58 3.56 11.90
C ASN B 157 -5.53 4.62 10.69
C ASN B 157 -5.47 4.60 10.77
N LYS B 158 -5.67 5.87 11.14
CA LYS B 158 -5.70 7.00 10.19
C LYS B 158 -4.37 7.11 9.44
N VAL B 159 -3.26 7.01 10.17
CA VAL B 159 -1.94 7.03 9.55
C VAL B 159 -1.82 5.87 8.51
N LEU B 160 -2.23 4.67 8.90
CA LEU B 160 -2.09 3.49 8.00
C LEU B 160 -3.00 3.60 6.79
N ILE B 161 -4.21 4.11 6.96
N ILE B 161 -4.22 4.09 6.96
CA ILE B 161 -5.12 4.37 5.83
CA ILE B 161 -5.10 4.36 5.82
C ILE B 161 -4.51 5.43 4.88
C ILE B 161 -4.41 5.37 4.88
N ARG B 162 -3.85 6.44 5.44
CA ARG B 162 -3.17 7.46 4.61
C ARG B 162 -2.03 6.85 3.75
N LEU B 163 -1.25 5.96 4.35
CA LEU B 163 -0.20 5.25 3.64
C LEU B 163 -0.74 4.24 2.61
N LEU B 164 -1.86 3.58 2.93
CA LEU B 164 -2.54 2.71 1.97
C LEU B 164 -2.95 3.47 0.72
N GLN B 165 -3.54 4.63 0.91
CA GLN B 165 -4.01 5.46 -0.20
C GLN B 165 -2.86 6.09 -0.98
N LEU B 166 -1.77 6.41 -0.29
CA LEU B 166 -0.54 6.81 -0.94
C LEU B 166 -0.13 5.71 -1.90
N LEU B 167 -0.10 4.46 -1.41
CA LEU B 167 0.39 3.35 -2.25
C LEU B 167 -0.56 3.03 -3.43
N THR B 168 -1.86 3.02 -3.19
CA THR B 168 -2.79 2.67 -4.27
C THR B 168 -2.74 3.75 -5.36
N ALA B 169 -2.74 5.01 -4.97
CA ALA B 169 -2.61 6.11 -5.94
C ALA B 169 -1.31 6.01 -6.76
N ARG B 170 -0.22 5.68 -6.07
CA ARG B 170 1.09 5.56 -6.67
C ARG B 170 1.11 4.38 -7.65
N PHE B 171 0.44 3.31 -7.25
CA PHE B 171 0.39 2.10 -8.09
C PHE B 171 -0.41 2.42 -9.36
N ARG B 172 -1.57 3.07 -9.21
CA ARG B 172 -2.42 3.41 -10.37
C ARG B 172 -1.72 4.38 -11.32
N GLU B 173 -1.11 5.41 -10.77
CA GLU B 173 -0.43 6.43 -11.57
C GLU B 173 0.76 5.81 -12.31
N SER B 174 1.54 5.05 -11.57
CA SER B 174 2.77 4.50 -12.10
C SER B 174 2.50 3.52 -13.19
N TYR B 175 1.49 2.68 -13.01
CA TYR B 175 1.25 1.68 -14.02
C TYR B 175 0.39 2.20 -15.18
N ASP B 176 -0.33 3.32 -15.02
CA ASP B 176 -0.92 4.00 -16.18
C ASP B 176 0.17 4.56 -17.10
N ARG B 177 1.27 5.02 -16.50
CA ARG B 177 2.41 5.58 -17.19
C ARG B 177 3.32 4.50 -17.81
N ILE B 178 3.59 3.45 -17.05
CA ILE B 178 4.60 2.46 -17.40
C ILE B 178 4.08 1.34 -18.30
N LEU B 179 2.87 0.82 -18.07
CA LEU B 179 2.39 -0.33 -18.86
C LEU B 179 2.38 -0.08 -20.37
N PRO B 180 1.97 1.13 -20.79
CA PRO B 180 1.99 1.40 -22.24
C PRO B 180 3.37 1.41 -22.88
N LYS B 181 4.42 1.46 -22.08
CA LYS B 181 5.79 1.46 -22.56
C LYS B 181 6.40 0.05 -22.56
N THR B 182 5.62 -0.95 -22.18
CA THR B 182 6.12 -2.31 -22.05
C THR B 182 6.14 -3.01 -23.41
N LEU B 183 7.05 -3.95 -23.55
CA LEU B 183 7.19 -4.76 -24.77
C LEU B 183 6.95 -6.24 -24.50
N GLY B 184 6.04 -6.83 -25.26
CA GLY B 184 5.85 -8.26 -25.23
C GLY B 184 4.98 -8.66 -24.05
N GLU B 185 5.10 -9.92 -23.66
CA GLU B 185 4.24 -10.54 -22.65
C GLU B 185 4.79 -10.15 -21.29
N LEU B 186 3.92 -9.81 -20.36
CA LEU B 186 4.34 -9.35 -19.03
C LEU B 186 4.47 -10.49 -18.03
N ILE B 187 3.80 -11.60 -18.31
CA ILE B 187 3.84 -12.80 -17.45
C ILE B 187 4.35 -13.97 -18.28
#